data_7RNS
#
_entry.id   7RNS
#
_cell.length_a   43.795
_cell.length_b   46.536
_cell.length_c   50.089
_cell.angle_alpha   90.000
_cell.angle_beta   90.000
_cell.angle_gamma   90.000
#
_symmetry.space_group_name_H-M   'P 21 21 21'
#
loop_
_entity.id
_entity.type
_entity.pdbx_description
1 polymer 'Isoform 2 of Phosphatidylinositol 3-kinase regulatory subunit alpha'
2 polymer 'Actin, alpha skeletal muscle'
3 non-polymer 1,2-ETHANEDIOL
4 water water
#
loop_
_entity_poly.entity_id
_entity_poly.type
_entity_poly.pdbx_seq_one_letter_code
_entity_poly.pdbx_strand_id
1 'polypeptide(L)'
;GSMGMNNNMSLQDAEWYWGDISREEVNEKLRDTADGTFLVRDASTKMHGDYTLTLRKGGNNKLIKIFHRDGKYGFSDPLT
FSSVVELINHYRNESLAQYNPKLDVKLLYPVSKYQQD
;
A
2 'polypeptide(L)' KDS(PTR)VGDEA B
#
loop_
_chem_comp.id
_chem_comp.type
_chem_comp.name
_chem_comp.formula
EDO non-polymer 1,2-ETHANEDIOL 'C2 H6 O2'
#
# COMPACT_ATOMS: atom_id res chain seq x y z
N ASN A 8 17.56 11.21 3.78
CA ASN A 8 16.93 11.00 5.07
C ASN A 8 15.43 11.22 5.00
N MET A 9 14.78 10.48 4.10
N MET A 9 14.76 10.49 4.11
CA MET A 9 13.33 10.49 4.02
CA MET A 9 13.31 10.58 4.02
C MET A 9 12.76 9.67 5.17
C MET A 9 12.68 9.65 5.05
N SER A 10 11.68 10.16 5.75
CA SER A 10 10.99 9.42 6.80
C SER A 10 9.62 8.97 6.32
N LEU A 11 9.29 7.71 6.60
CA LEU A 11 7.96 7.23 6.27
C LEU A 11 6.89 8.07 6.94
N GLN A 12 7.19 8.63 8.12
CA GLN A 12 6.19 9.42 8.83
C GLN A 12 5.78 10.66 8.04
N ASP A 13 6.66 11.19 7.18
CA ASP A 13 6.33 12.36 6.39
C ASP A 13 5.60 12.03 5.10
N ALA A 14 5.47 10.76 4.76
CA ALA A 14 4.83 10.42 3.51
C ALA A 14 3.36 10.80 3.55
N GLU A 15 2.90 11.44 2.48
CA GLU A 15 1.50 11.87 2.40
C GLU A 15 0.56 10.70 2.54
N TRP A 16 0.92 9.60 1.89
CA TRP A 16 0.13 8.40 1.75
C TRP A 16 0.30 7.39 2.90
N TYR A 17 1.09 7.71 3.92
CA TYR A 17 1.28 6.80 5.06
C TYR A 17 0.42 7.26 6.23
N TRP A 18 -0.59 6.44 6.56
CA TRP A 18 -1.59 6.77 7.56
C TRP A 18 -1.42 6.02 8.87
N GLY A 19 -0.27 5.37 9.09
CA GLY A 19 -0.02 4.78 10.40
C GLY A 19 -1.02 3.69 10.74
N ASP A 20 -1.44 3.66 12.01
CA ASP A 20 -2.20 2.54 12.56
C ASP A 20 -3.72 2.65 12.34
N ILE A 21 -4.18 3.28 11.26
CA ILE A 21 -5.60 3.25 10.97
C ILE A 21 -6.04 1.85 10.55
N SER A 22 -7.33 1.60 10.70
CA SER A 22 -7.92 0.30 10.39
C SER A 22 -8.35 0.20 8.93
N ARG A 23 -8.59 -1.04 8.51
N ARG A 23 -8.63 -1.02 8.49
CA ARG A 23 -9.17 -1.31 7.21
CA ARG A 23 -9.13 -1.19 7.13
C ARG A 23 -10.43 -0.48 6.97
C ARG A 23 -10.47 -0.47 6.93
N GLU A 24 -11.30 -0.40 7.98
CA GLU A 24 -12.56 0.32 7.84
C GLU A 24 -12.32 1.82 7.63
N GLU A 25 -11.31 2.36 8.31
N GLU A 25 -11.33 2.39 8.32
CA GLU A 25 -10.94 3.74 8.13
CA GLU A 25 -11.01 3.79 8.03
C GLU A 25 -10.32 3.98 6.76
C GLU A 25 -10.42 3.93 6.65
N VAL A 26 -9.53 3.03 6.24
CA VAL A 26 -9.03 3.11 4.88
C VAL A 26 -10.17 3.16 3.88
N ASN A 27 -11.18 2.30 4.07
CA ASN A 27 -12.31 2.31 3.14
C ASN A 27 -13.02 3.65 3.10
N GLU A 28 -13.09 4.36 4.23
CA GLU A 28 -13.68 5.69 4.19
C GLU A 28 -12.93 6.62 3.25
N LYS A 29 -11.62 6.42 3.15
CA LYS A 29 -10.78 7.26 2.30
C LYS A 29 -10.72 6.79 0.86
N LEU A 30 -10.91 5.50 0.58
N LEU A 30 -10.90 5.50 0.59
CA LEU A 30 -10.79 4.98 -0.77
CA LEU A 30 -10.79 4.96 -0.76
C LEU A 30 -12.13 4.72 -1.45
C LEU A 30 -12.13 4.73 -1.44
N ARG A 31 -13.22 4.61 -0.70
CA ARG A 31 -14.50 4.43 -1.34
C ARG A 31 -14.74 5.58 -2.32
N ASP A 32 -15.35 5.25 -3.45
CA ASP A 32 -15.75 6.20 -4.47
C ASP A 32 -14.58 6.79 -5.27
N THR A 33 -13.35 6.28 -5.09
CA THR A 33 -12.21 6.87 -5.78
C THR A 33 -11.89 6.13 -7.09
N ALA A 34 -11.03 6.76 -7.89
CA ALA A 34 -10.59 6.23 -9.16
C ALA A 34 -9.58 5.12 -8.98
N ASP A 35 -9.49 4.27 -9.98
CA ASP A 35 -8.42 3.28 -10.04
C ASP A 35 -7.07 3.96 -9.84
N GLY A 36 -6.21 3.33 -9.06
CA GLY A 36 -4.88 3.86 -8.81
C GLY A 36 -4.78 4.76 -7.63
N THR A 37 -5.90 5.03 -6.94
CA THR A 37 -5.87 5.75 -5.68
C THR A 37 -5.35 4.82 -4.60
N PHE A 38 -4.50 5.33 -3.70
CA PHE A 38 -3.86 4.44 -2.74
C PHE A 38 -3.44 5.14 -1.46
N LEU A 39 -3.23 4.30 -0.42
CA LEU A 39 -2.56 4.73 0.79
C LEU A 39 -1.98 3.50 1.45
N VAL A 40 -1.06 3.73 2.39
CA VAL A 40 -0.43 2.66 3.17
C VAL A 40 -0.77 2.85 4.63
N ARG A 41 -1.07 1.73 5.30
CA ARG A 41 -1.27 1.72 6.75
C ARG A 41 -0.40 0.61 7.32
N ASP A 42 -0.27 0.58 8.64
CA ASP A 42 0.38 -0.53 9.31
C ASP A 42 -0.46 -1.78 9.10
N ALA A 43 0.18 -2.93 9.04
CA ALA A 43 -0.55 -4.18 8.90
C ALA A 43 -1.40 -4.44 10.14
N SER A 44 -2.41 -5.31 9.96
CA SER A 44 -3.36 -5.58 11.05
C SER A 44 -2.69 -6.16 12.27
N THR A 45 -1.57 -6.86 12.08
N THR A 45 -1.60 -6.90 12.11
CA THR A 45 -0.74 -7.38 13.15
CA THR A 45 -0.78 -7.24 13.26
C THR A 45 0.66 -6.79 13.00
C THR A 45 0.60 -6.66 13.05
N LYS A 46 1.35 -6.68 14.13
CA LYS A 46 2.69 -6.09 14.20
C LYS A 46 3.81 -7.05 13.82
N MET A 47 3.51 -8.31 13.54
N MET A 47 3.52 -8.32 13.57
CA MET A 47 4.56 -9.29 13.30
CA MET A 47 4.59 -9.28 13.28
C MET A 47 5.42 -8.85 12.11
C MET A 47 5.43 -8.77 12.12
N HIS A 48 6.74 -8.79 12.33
CA HIS A 48 7.73 -8.41 11.34
C HIS A 48 7.68 -6.94 10.96
N GLY A 49 6.76 -6.14 11.52
CA GLY A 49 6.68 -4.76 11.07
C GLY A 49 6.26 -4.61 9.62
N ASP A 50 5.40 -5.51 9.14
CA ASP A 50 4.84 -5.40 7.80
C ASP A 50 3.91 -4.19 7.71
N TYR A 51 3.65 -3.77 6.49
CA TYR A 51 2.70 -2.72 6.18
C TYR A 51 1.65 -3.30 5.24
N THR A 52 0.59 -2.54 4.98
CA THR A 52 -0.43 -2.93 4.02
C THR A 52 -0.73 -1.76 3.10
N LEU A 53 -0.44 -1.96 1.82
CA LEU A 53 -0.86 -1.03 0.77
C LEU A 53 -2.32 -1.33 0.44
N THR A 54 -3.13 -0.29 0.30
CA THR A 54 -4.48 -0.45 -0.20
C THR A 54 -4.60 0.38 -1.47
N LEU A 55 -5.04 -0.27 -2.55
N LEU A 55 -5.06 -0.26 -2.53
CA LEU A 55 -5.09 0.31 -3.90
CA LEU A 55 -5.12 0.29 -3.86
C LEU A 55 -6.48 0.11 -4.49
C LEU A 55 -6.56 0.17 -4.33
N ARG A 56 -7.05 1.18 -5.03
CA ARG A 56 -8.37 1.13 -5.61
C ARG A 56 -8.32 0.51 -7.01
N LYS A 57 -9.21 -0.44 -7.27
CA LYS A 57 -9.34 -1.02 -8.62
C LYS A 57 -10.76 -1.51 -8.82
N GLY A 58 -11.42 -1.01 -9.86
CA GLY A 58 -12.73 -1.53 -10.20
C GLY A 58 -13.76 -1.35 -9.10
N GLY A 59 -13.69 -0.26 -8.35
CA GLY A 59 -14.66 0.01 -7.31
C GLY A 59 -14.47 -0.80 -6.06
N ASN A 60 -13.35 -1.51 -5.94
CA ASN A 60 -13.02 -2.27 -4.76
C ASN A 60 -11.63 -1.88 -4.25
N ASN A 61 -11.35 -2.28 -3.01
CA ASN A 61 -10.06 -2.03 -2.40
C ASN A 61 -9.24 -3.29 -2.42
N LYS A 62 -8.07 -3.22 -3.04
CA LYS A 62 -7.14 -4.33 -3.13
C LYS A 62 -6.04 -4.10 -2.11
N LEU A 63 -5.87 -5.06 -1.22
CA LEU A 63 -4.90 -4.97 -0.13
C LEU A 63 -3.69 -5.81 -0.53
N ILE A 64 -2.51 -5.19 -0.47
CA ILE A 64 -1.27 -5.84 -0.85
C ILE A 64 -0.34 -5.74 0.35
N LYS A 65 0.00 -6.88 0.95
CA LYS A 65 0.92 -6.88 2.06
C LYS A 65 2.30 -6.41 1.60
N ILE A 66 2.88 -5.50 2.36
CA ILE A 66 4.28 -5.10 2.22
C ILE A 66 5.03 -5.86 3.30
N PHE A 67 5.67 -6.94 2.87
CA PHE A 67 6.51 -7.71 3.77
C PHE A 67 7.74 -6.91 4.15
N HIS A 68 8.16 -7.07 5.40
CA HIS A 68 9.36 -6.44 5.94
C HIS A 68 10.19 -7.56 6.55
N ARG A 69 11.37 -7.81 6.00
CA ARG A 69 12.26 -8.85 6.50
C ARG A 69 13.69 -8.38 6.30
N ASP A 70 14.52 -8.53 7.32
CA ASP A 70 15.95 -8.24 7.20
C ASP A 70 16.22 -6.84 6.66
N GLY A 71 15.41 -5.88 7.07
CA GLY A 71 15.66 -4.51 6.66
C GLY A 71 15.31 -4.20 5.23
N LYS A 72 14.56 -5.06 4.55
CA LYS A 72 14.08 -4.81 3.21
C LYS A 72 12.56 -4.98 3.18
N TYR A 73 11.98 -4.50 2.08
CA TYR A 73 10.53 -4.44 1.89
C TYR A 73 10.18 -4.93 0.48
N GLY A 74 9.00 -5.51 0.35
CA GLY A 74 8.50 -5.92 -0.95
C GLY A 74 7.17 -6.62 -0.84
N PHE A 75 6.53 -6.83 -1.99
CA PHE A 75 5.25 -7.54 -2.02
C PHE A 75 5.41 -9.05 -2.06
N SER A 76 6.58 -9.54 -2.43
CA SER A 76 6.83 -10.96 -2.57
C SER A 76 8.34 -11.15 -2.61
N ASP A 77 8.76 -12.36 -2.36
CA ASP A 77 10.19 -12.63 -2.39
C ASP A 77 10.69 -12.59 -3.84
N PRO A 78 11.89 -12.04 -4.09
CA PRO A 78 12.77 -11.42 -3.10
C PRO A 78 12.36 -10.00 -2.74
N LEU A 79 12.59 -9.64 -1.49
CA LEU A 79 12.34 -8.27 -1.05
C LEU A 79 13.52 -7.41 -1.50
N THR A 80 13.23 -6.37 -2.26
CA THR A 80 14.31 -5.63 -2.91
C THR A 80 14.40 -4.17 -2.50
N PHE A 81 13.45 -3.64 -1.75
CA PHE A 81 13.43 -2.21 -1.47
C PHE A 81 13.98 -1.90 -0.09
N SER A 82 14.71 -0.81 0.01
N SER A 82 14.73 -0.80 0.00
CA SER A 82 15.36 -0.43 1.26
CA SER A 82 15.37 -0.39 1.25
C SER A 82 14.44 0.37 2.17
C SER A 82 14.41 0.31 2.20
N SER A 83 13.28 0.77 1.70
CA SER A 83 12.32 1.51 2.50
C SER A 83 10.96 1.40 1.84
N VAL A 84 9.93 1.68 2.63
CA VAL A 84 8.57 1.73 2.09
C VAL A 84 8.44 2.85 1.06
N VAL A 85 9.05 4.01 1.33
CA VAL A 85 8.99 5.11 0.38
C VAL A 85 9.58 4.71 -0.96
N GLU A 86 10.71 4.00 -0.95
CA GLU A 86 11.33 3.58 -2.21
C GLU A 86 10.41 2.61 -2.94
N LEU A 87 9.80 1.69 -2.22
CA LEU A 87 8.86 0.76 -2.80
C LEU A 87 7.70 1.50 -3.48
N ILE A 88 7.07 2.43 -2.76
CA ILE A 88 5.94 3.14 -3.32
C ILE A 88 6.37 3.91 -4.56
N ASN A 89 7.51 4.58 -4.49
CA ASN A 89 7.96 5.36 -5.63
C ASN A 89 8.17 4.48 -6.87
N HIS A 90 8.65 3.26 -6.67
CA HIS A 90 8.80 2.34 -7.81
C HIS A 90 7.46 2.07 -8.47
N TYR A 91 6.43 1.74 -7.68
CA TYR A 91 5.15 1.34 -8.23
C TYR A 91 4.28 2.52 -8.63
N ARG A 92 4.73 3.76 -8.43
CA ARG A 92 4.11 4.88 -9.13
C ARG A 92 4.32 4.76 -10.62
N ASN A 93 5.46 4.18 -11.03
CA ASN A 93 5.86 4.09 -12.42
C ASN A 93 5.71 2.72 -13.02
N GLU A 94 5.76 1.68 -12.22
CA GLU A 94 5.66 0.32 -12.71
C GLU A 94 4.40 -0.31 -12.12
N SER A 95 3.62 -0.94 -12.98
CA SER A 95 2.37 -1.54 -12.57
C SER A 95 2.58 -2.71 -11.61
N LEU A 96 1.58 -2.92 -10.72
CA LEU A 96 1.58 -4.10 -9.86
C LEU A 96 1.39 -5.40 -10.64
N ALA A 97 1.28 -5.35 -11.97
CA ALA A 97 1.39 -6.58 -12.76
C ALA A 97 2.73 -7.28 -12.53
N GLN A 98 3.74 -6.54 -12.04
CA GLN A 98 5.00 -7.17 -11.67
C GLN A 98 4.85 -8.10 -10.47
N TYR A 99 3.88 -7.84 -9.60
CA TYR A 99 3.57 -8.68 -8.45
C TYR A 99 2.61 -9.80 -8.79
N ASN A 100 1.54 -9.47 -9.47
CA ASN A 100 0.54 -10.41 -9.94
C ASN A 100 0.09 -9.94 -11.32
N PRO A 101 0.31 -10.73 -12.37
CA PRO A 101 -0.06 -10.30 -13.72
C PRO A 101 -1.48 -9.80 -13.87
N LYS A 102 -2.39 -10.26 -13.01
CA LYS A 102 -3.79 -9.88 -13.10
C LYS A 102 -4.11 -8.60 -12.34
N LEU A 103 -3.12 -7.93 -11.75
CA LEU A 103 -3.34 -6.70 -10.99
C LEU A 103 -2.62 -5.52 -11.68
N ASP A 104 -3.09 -5.17 -12.87
CA ASP A 104 -2.37 -4.22 -13.74
C ASP A 104 -2.83 -2.80 -13.43
N VAL A 105 -2.30 -2.26 -12.34
CA VAL A 105 -2.64 -0.93 -11.83
C VAL A 105 -1.38 -0.32 -11.24
N LYS A 106 -1.18 0.97 -11.44
CA LYS A 106 -0.09 1.73 -10.84
C LYS A 106 -0.60 2.57 -9.68
N LEU A 107 0.36 3.06 -8.89
CA LEU A 107 0.09 3.92 -7.72
C LEU A 107 0.09 5.36 -8.21
N LEU A 108 -1.09 5.82 -8.58
CA LEU A 108 -1.27 7.07 -9.33
C LEU A 108 -1.71 8.24 -8.48
N TYR A 109 -2.56 8.02 -7.48
CA TYR A 109 -3.23 9.12 -6.75
C TYR A 109 -3.08 8.84 -5.27
N PRO A 110 -2.06 9.39 -4.63
CA PRO A 110 -1.91 9.17 -3.19
C PRO A 110 -3.02 9.91 -2.45
N VAL A 111 -3.56 9.27 -1.42
CA VAL A 111 -4.52 9.95 -0.55
C VAL A 111 -3.71 10.59 0.57
N SER A 112 -3.66 11.92 0.58
CA SER A 112 -2.81 12.61 1.55
C SER A 112 -3.49 12.73 2.91
N LYS A 113 -2.72 12.46 3.96
CA LYS A 113 -3.22 12.66 5.32
C LYS A 113 -3.14 14.12 5.78
N TYR A 114 -2.52 15.00 5.01
CA TYR A 114 -2.32 16.37 5.45
C TYR A 114 -3.52 17.26 5.08
N GLN A 115 -3.82 18.22 5.95
CA GLN A 115 -4.79 19.25 5.60
C GLN A 115 -4.22 20.11 4.46
N GLN A 116 -5.12 20.75 3.70
CA GLN A 116 -4.72 21.50 2.50
C GLN A 116 -3.91 22.76 2.82
N ASP A 117 -4.14 23.39 3.97
CA ASP A 117 -3.47 24.65 4.34
C ASP A 117 -3.52 25.69 3.22
N LYS B 1 -15.67 -4.10 -1.82
CA LYS B 1 -15.11 -5.18 -1.02
C LYS B 1 -13.63 -4.88 -0.80
N ASP B 2 -13.13 -5.23 0.37
N ASP B 2 -13.11 -5.30 0.34
CA ASP B 2 -11.70 -5.22 0.66
CA ASP B 2 -11.69 -5.21 0.65
C ASP B 2 -11.21 -6.65 0.47
C ASP B 2 -11.09 -6.62 0.58
N SER B 3 -10.18 -6.82 -0.37
CA SER B 3 -9.65 -8.14 -0.67
C SER B 3 -8.13 -8.09 -0.66
N PTR B 4 -7.49 -8.99 0.09
CA PTR B 4 -6.05 -9.20 -0.12
C PTR B 4 -5.84 -9.82 -1.50
O PTR B 4 -6.63 -10.66 -1.94
CB PTR B 4 -5.37 -10.08 0.94
CG PTR B 4 -4.87 -9.30 2.14
CD1 PTR B 4 -3.71 -8.55 2.05
CD2 PTR B 4 -5.54 -9.31 3.34
CE1 PTR B 4 -3.24 -7.80 3.13
CE2 PTR B 4 -5.06 -8.58 4.43
CZ PTR B 4 -3.91 -7.81 4.32
OH PTR B 4 -3.41 -7.07 5.31
P PTR B 4 -4.07 -6.69 6.73
O1P PTR B 4 -5.49 -6.14 6.45
O2P PTR B 4 -3.18 -5.62 7.29
O3P PTR B 4 -4.13 -7.96 7.56
HB2 PTR B 4 -4.62 -10.54 0.54
HB3 PTR B 4 -6.03 -10.73 1.26
HD1 PTR B 4 -3.23 -8.55 1.26
HD2 PTR B 4 -6.31 -9.80 3.43
HE1 PTR B 4 -2.47 -7.30 3.03
HE2 PTR B 4 -5.52 -8.62 5.24
N VAL B 5 -4.74 -9.43 -2.15
CA VAL B 5 -4.32 -9.97 -3.43
C VAL B 5 -3.09 -10.81 -3.21
N GLY B 6 -3.20 -12.09 -3.57
CA GLY B 6 -2.06 -13.00 -3.51
C GLY B 6 -1.20 -12.91 -4.74
N ASP B 7 -0.10 -13.65 -4.71
CA ASP B 7 0.86 -13.60 -5.81
C ASP B 7 0.68 -14.74 -6.79
N GLU B 8 -0.18 -15.69 -6.51
CA GLU B 8 -0.51 -16.74 -7.45
C GLU B 8 -1.85 -16.41 -8.12
N ALA B 9 -2.20 -17.22 -9.12
CA ALA B 9 -3.40 -16.95 -9.91
C ALA B 9 -4.67 -17.08 -9.07
C1 EDO C . 5.81 -14.93 8.42
O1 EDO C . 4.52 -15.53 8.52
C2 EDO C . 6.63 -15.57 7.30
O2 EDO C . 8.00 -15.15 7.36
C1 EDO D . 8.46 -12.71 3.54
O1 EDO D . 8.80 -12.23 2.24
C2 EDO D . 8.15 -14.19 3.43
O2 EDO D . 7.60 -14.41 2.12
C1 EDO E . -10.07 12.04 8.46
O1 EDO E . -10.65 13.32 8.74
C2 EDO E . -10.85 10.92 9.14
O2 EDO E . -10.16 9.68 8.98
C1 EDO F . -11.41 -4.33 -11.64
O1 EDO F . -11.03 -3.36 -12.63
C2 EDO F . -12.80 -4.90 -11.78
O2 EDO F . -12.84 -6.13 -11.05
C1 EDO G . -5.75 -9.93 -8.99
O1 EDO G . -6.62 -9.10 -8.21
C2 EDO G . -6.55 -11.12 -9.48
O2 EDO G . -5.93 -12.34 -9.05
C1 EDO H . 7.05 8.76 -10.81
O1 EDO H . 5.61 8.78 -10.96
C2 EDO H . 7.60 8.93 -9.39
O2 EDO H . 8.25 7.75 -8.82
#